data_1LE0
#
_entry.id   1LE0
#
_entity_poly.entity_id   1
_entity_poly.type   'polypeptide(L)'
_entity_poly.pdbx_seq_one_letter_code
;SWTWEGNKWTWK(NH2)
;
_entity_poly.pdbx_strand_id   A
#
loop_
_chem_comp.id
_chem_comp.type
_chem_comp.name
_chem_comp.formula
NH2 non-polymer 'AMINO GROUP' 'H2 N'
#
# COMPACT_ATOMS: atom_id res chain seq x y z
N SER A 1 -8.79 0.31 -0.72
CA SER A 1 -7.87 0.24 -1.88
C SER A 1 -6.43 -0.02 -1.47
N TRP A 2 -5.71 -0.68 -2.37
CA TRP A 2 -4.27 -0.86 -2.32
C TRP A 2 -3.54 0.46 -2.57
N THR A 3 -2.82 0.93 -1.56
CA THR A 3 -1.97 2.11 -1.55
C THR A 3 -0.51 1.68 -1.30
N TRP A 4 0.47 2.48 -1.73
CA TRP A 4 1.89 2.14 -1.61
C TRP A 4 2.54 2.73 -0.37
N GLU A 5 3.24 1.87 0.39
CA GLU A 5 3.77 2.11 1.72
C GLU A 5 5.31 2.11 1.71
N GLY A 6 5.90 2.80 0.73
CA GLY A 6 7.36 2.96 0.59
C GLY A 6 7.99 1.85 -0.25
N ASN A 7 7.79 0.58 0.16
CA ASN A 7 8.29 -0.62 -0.53
C ASN A 7 7.28 -1.75 -0.75
N LYS A 8 6.11 -1.71 -0.10
CA LYS A 8 5.03 -2.70 -0.22
C LYS A 8 3.68 -2.01 -0.39
N TRP A 9 2.69 -2.73 -0.92
CA TRP A 9 1.30 -2.27 -0.99
C TRP A 9 0.57 -2.56 0.34
N THR A 10 -0.52 -1.84 0.61
CA THR A 10 -1.39 -2.04 1.78
C THR A 10 -2.84 -1.63 1.49
N TRP A 11 -3.81 -2.32 2.08
CA TRP A 11 -5.23 -2.05 1.88
C TRP A 11 -5.79 -1.07 2.92
N LYS A 12 -6.51 -0.05 2.44
CA LYS A 12 -7.18 0.95 3.26
C LYS A 12 -8.68 0.67 3.39
N NH2 A 13 -9.15 0.34 4.59
HN1 NH2 A 13 -8.53 0.23 5.37
HN2 NH2 A 13 -10.15 0.22 4.68
N SER A 1 -8.88 0.16 -0.75
CA SER A 1 -8.05 0.16 -1.95
C SER A 1 -6.58 -0.10 -1.61
N TRP A 2 -5.81 -0.64 -2.55
CA TRP A 2 -4.36 -0.82 -2.40
C TRP A 2 -3.61 0.48 -2.63
N THR A 3 -2.89 0.94 -1.60
CA THR A 3 -1.96 2.08 -1.67
C THR A 3 -0.53 1.60 -1.45
N TRP A 4 0.47 2.35 -1.95
CA TRP A 4 1.88 2.00 -1.84
C TRP A 4 2.51 2.64 -0.60
N GLU A 5 3.14 1.80 0.22
CA GLU A 5 3.65 2.06 1.56
C GLU A 5 5.16 1.75 1.60
N GLY A 6 5.98 2.79 1.40
CA GLY A 6 7.45 2.69 1.43
C GLY A 6 8.00 1.96 0.22
N ASN A 7 7.91 0.63 0.28
CA ASN A 7 8.29 -0.33 -0.76
C ASN A 7 7.26 -1.49 -0.91
N LYS A 8 6.14 -1.48 -0.16
CA LYS A 8 5.13 -2.55 -0.15
C LYS A 8 3.74 -1.99 -0.52
N TRP A 9 2.74 -2.85 -0.75
CA TRP A 9 1.32 -2.42 -0.91
C TRP A 9 0.57 -2.68 0.40
N THR A 10 -0.42 -1.83 0.73
CA THR A 10 -1.31 -2.05 1.89
C THR A 10 -2.77 -1.65 1.59
N TRP A 11 -3.71 -2.17 2.38
CA TRP A 11 -5.15 -1.97 2.21
C TRP A 11 -5.63 -0.82 3.12
N LYS A 12 -6.58 -0.03 2.61
CA LYS A 12 -7.20 1.14 3.25
C LYS A 12 -8.70 1.19 2.88
N NH2 A 13 -9.46 2.10 3.45
HN1 NH2 A 13 -9.11 2.72 4.17
HN2 NH2 A 13 -10.41 2.17 3.10
N SER A 1 -8.56 0.88 -0.76
CA SER A 1 -7.92 0.07 -1.79
C SER A 1 -6.41 -0.12 -1.53
N TRP A 2 -5.72 -0.83 -2.43
CA TRP A 2 -4.26 -0.93 -2.37
C TRP A 2 -3.61 0.43 -2.60
N THR A 3 -2.80 0.85 -1.63
CA THR A 3 -1.94 2.04 -1.70
C THR A 3 -0.53 1.69 -1.21
N TRP A 4 0.45 2.45 -1.67
CA TRP A 4 1.87 2.16 -1.51
C TRP A 4 2.47 2.77 -0.23
N GLU A 5 3.34 1.98 0.43
CA GLU A 5 3.92 2.28 1.75
C GLU A 5 5.45 2.46 1.69
N GLY A 6 5.99 2.71 0.50
CA GLY A 6 7.42 2.96 0.28
C GLY A 6 8.20 1.73 -0.18
N ASN A 7 7.67 0.52 0.02
CA ASN A 7 8.26 -0.75 -0.47
C ASN A 7 7.25 -1.87 -0.78
N LYS A 8 6.04 -1.78 -0.20
CA LYS A 8 4.92 -2.70 -0.44
C LYS A 8 3.61 -1.93 -0.59
N TRP A 9 2.54 -2.66 -0.88
CA TRP A 9 1.18 -2.17 -0.90
C TRP A 9 0.45 -2.64 0.36
N THR A 10 -0.41 -1.77 0.91
CA THR A 10 -1.37 -2.11 1.98
C THR A 10 -2.77 -1.67 1.56
N TRP A 11 -3.78 -2.31 2.13
CA TRP A 11 -5.20 -2.09 1.82
C TRP A 11 -5.80 -1.11 2.81
N LYS A 12 -6.31 -0.01 2.29
CA LYS A 12 -6.93 1.10 3.03
C LYS A 12 -8.46 0.99 2.96
N NH2 A 13 -9.16 1.61 3.89
HN1 NH2 A 13 -8.72 2.12 4.63
HN2 NH2 A 13 -10.17 1.50 3.84
N SER A 1 -9.16 0.34 -1.29
CA SER A 1 -8.18 0.08 -2.36
C SER A 1 -6.73 0.06 -1.84
N TRP A 2 -5.82 -0.50 -2.65
CA TRP A 2 -4.38 -0.52 -2.39
C TRP A 2 -3.73 0.86 -2.29
N THR A 3 -2.70 0.93 -1.45
CA THR A 3 -1.77 2.05 -1.23
C THR A 3 -0.36 1.51 -1.02
N TRP A 4 0.64 2.18 -1.61
CA TRP A 4 2.06 1.84 -1.52
C TRP A 4 2.75 2.57 -0.35
N GLU A 5 3.23 1.83 0.64
CA GLU A 5 4.01 2.36 1.77
C GLU A 5 5.51 2.35 1.46
N GLY A 6 5.91 3.09 0.41
CA GLY A 6 7.30 3.23 -0.01
C GLY A 6 7.96 1.99 -0.63
N ASN A 7 7.64 0.79 -0.13
CA ASN A 7 8.21 -0.51 -0.53
C ASN A 7 7.21 -1.68 -0.48
N LYS A 8 5.96 -1.46 -0.01
CA LYS A 8 4.97 -2.51 0.26
C LYS A 8 3.54 -2.00 0.00
N TRP A 9 2.75 -2.73 -0.79
CA TRP A 9 1.31 -2.43 -0.95
C TRP A 9 0.51 -2.91 0.27
N THR A 10 -0.37 -2.05 0.81
CA THR A 10 -1.39 -2.38 1.82
C THR A 10 -2.76 -1.84 1.38
N TRP A 11 -3.86 -2.38 1.91
CA TRP A 11 -5.24 -2.07 1.48
C TRP A 11 -5.93 -1.14 2.49
N LYS A 12 -6.40 0.04 2.05
CA LYS A 12 -7.00 1.07 2.91
C LYS A 12 -8.27 1.69 2.32
N NH2 A 13 -9.08 2.34 3.14
HN1 NH2 A 13 -8.88 2.43 4.11
HN2 NH2 A 13 -9.89 2.78 2.72
N SER A 1 -8.59 1.14 -2.23
CA SER A 1 -8.37 -0.30 -2.06
C SER A 1 -6.94 -0.54 -1.60
N TRP A 2 -6.01 -0.72 -2.54
CA TRP A 2 -4.58 -0.80 -2.31
C TRP A 2 -3.88 0.56 -2.50
N THR A 3 -2.89 0.82 -1.64
CA THR A 3 -1.98 1.98 -1.66
C THR A 3 -0.55 1.50 -1.43
N TRP A 4 0.45 2.24 -1.93
CA TRP A 4 1.86 1.95 -1.72
C TRP A 4 2.36 2.51 -0.37
N GLU A 5 3.07 1.69 0.41
CA GLU A 5 3.64 2.08 1.71
C GLU A 5 5.16 1.93 1.69
N GLY A 6 5.82 2.92 1.08
CA GLY A 6 7.27 3.02 0.97
C GLY A 6 7.91 1.98 0.06
N ASN A 7 7.60 0.70 0.26
CA ASN A 7 8.23 -0.43 -0.44
C ASN A 7 7.36 -1.67 -0.65
N LYS A 8 6.13 -1.73 -0.10
CA LYS A 8 5.13 -2.77 -0.42
C LYS A 8 3.75 -2.14 -0.61
N TRP A 9 2.76 -2.95 -1.00
CA TRP A 9 1.38 -2.51 -1.08
C TRP A 9 0.64 -2.74 0.25
N THR A 10 -0.40 -1.94 0.50
CA THR A 10 -1.11 -1.82 1.77
C THR A 10 -2.56 -1.40 1.54
N TRP A 11 -3.50 -2.14 2.13
CA TRP A 11 -4.93 -1.90 2.00
C TRP A 11 -5.39 -0.72 2.86
N LYS A 12 -6.29 0.09 2.31
CA LYS A 12 -6.97 1.22 2.96
C LYS A 12 -8.50 1.16 2.82
N NH2 A 13 -9.04 0.29 1.96
HN1 NH2 A 13 -8.45 -0.33 1.41
HN2 NH2 A 13 -10.04 0.25 1.91
N SER A 1 -9.30 -0.03 -1.19
CA SER A 1 -8.29 -0.04 -2.27
C SER A 1 -6.88 -0.19 -1.73
N TRP A 2 -6.01 -0.75 -2.56
CA TRP A 2 -4.58 -0.78 -2.31
C TRP A 2 -3.95 0.61 -2.43
N THR A 3 -2.84 0.78 -1.69
CA THR A 3 -1.99 1.97 -1.64
C THR A 3 -0.54 1.56 -1.37
N TRP A 4 0.45 2.39 -1.74
CA TRP A 4 1.90 2.10 -1.63
C TRP A 4 2.54 2.79 -0.42
N GLU A 5 3.30 2.03 0.38
CA GLU A 5 4.03 2.49 1.57
C GLU A 5 5.53 2.14 1.47
N GLY A 6 6.33 3.04 0.87
CA GLY A 6 7.78 2.90 0.82
C GLY A 6 8.28 1.82 -0.14
N ASN A 7 8.01 0.55 0.19
CA ASN A 7 8.37 -0.63 -0.62
C ASN A 7 7.27 -1.71 -0.70
N LYS A 8 6.08 -1.48 -0.14
CA LYS A 8 5.03 -2.52 0.02
C LYS A 8 3.64 -1.93 -0.23
N TRP A 9 2.71 -2.74 -0.73
CA TRP A 9 1.31 -2.37 -0.88
C TRP A 9 0.53 -2.65 0.40
N THR A 10 -0.49 -1.85 0.69
CA THR A 10 -1.39 -2.02 1.85
C THR A 10 -2.82 -1.62 1.51
N TRP A 11 -3.79 -2.47 1.88
CA TRP A 11 -5.22 -2.23 1.70
C TRP A 11 -5.71 -1.20 2.72
N LYS A 12 -6.09 0.00 2.24
CA LYS A 12 -6.55 1.11 3.08
C LYS A 12 -7.89 1.72 2.62
N NH2 A 13 -8.43 1.28 1.49
HN1 NH2 A 13 -7.94 0.62 0.90
HN2 NH2 A 13 -9.32 1.66 1.24
N SER A 1 -9.15 -0.09 -0.23
CA SER A 1 -8.45 -0.05 -1.52
C SER A 1 -6.94 -0.24 -1.33
N TRP A 2 -6.16 -0.50 -2.39
CA TRP A 2 -4.71 -0.70 -2.26
C TRP A 2 -3.92 0.58 -2.55
N THR A 3 -2.88 0.83 -1.76
CA THR A 3 -1.90 1.91 -1.94
C THR A 3 -0.50 1.47 -1.49
N TRP A 4 0.53 2.20 -1.92
CA TRP A 4 1.94 1.88 -1.63
C TRP A 4 2.36 2.42 -0.26
N GLU A 5 3.25 1.67 0.40
CA GLU A 5 3.69 1.84 1.80
C GLU A 5 5.19 2.22 1.86
N GLY A 6 5.71 2.78 0.76
CA GLY A 6 7.13 3.12 0.57
C GLY A 6 7.98 1.98 0.02
N ASN A 7 7.63 0.71 0.29
CA ASN A 7 8.34 -0.48 -0.21
C ASN A 7 7.45 -1.71 -0.54
N LYS A 8 6.12 -1.61 -0.42
CA LYS A 8 5.16 -2.71 -0.58
C LYS A 8 3.76 -2.09 -0.79
N TRP A 9 2.77 -2.86 -1.24
CA TRP A 9 1.35 -2.46 -1.27
C TRP A 9 0.64 -2.80 0.06
N THR A 10 -0.31 -1.96 0.50
CA THR A 10 -1.17 -2.12 1.71
C THR A 10 -2.61 -1.63 1.47
N TRP A 11 -3.53 -2.00 2.38
CA TRP A 11 -4.98 -1.76 2.28
C TRP A 11 -5.37 -0.50 3.08
N LYS A 12 -5.82 0.56 2.39
CA LYS A 12 -6.29 1.81 2.99
C LYS A 12 -7.61 2.30 2.37
N NH2 A 13 -8.47 2.87 3.21
HN1 NH2 A 13 -8.24 2.93 4.20
HN2 NH2 A 13 -9.32 3.25 2.84
N SER A 1 -8.93 0.86 -2.75
CA SER A 1 -8.58 -0.57 -2.63
C SER A 1 -7.19 -0.75 -2.03
N TRP A 2 -6.14 -0.51 -2.83
CA TRP A 2 -4.75 -0.67 -2.43
C TRP A 2 -3.98 0.66 -2.52
N THR A 3 -3.08 0.93 -1.55
CA THR A 3 -2.11 2.04 -1.62
C THR A 3 -0.70 1.58 -1.21
N TRP A 4 0.30 2.34 -1.65
CA TRP A 4 1.72 2.06 -1.46
C TRP A 4 2.27 2.55 -0.12
N GLU A 5 3.29 1.83 0.35
CA GLU A 5 3.98 2.02 1.60
C GLU A 5 5.49 1.83 1.38
N GLY A 6 6.15 2.85 0.81
CA GLY A 6 7.60 2.91 0.61
C GLY A 6 8.19 1.90 -0.38
N ASN A 7 8.16 0.62 0.03
CA ASN A 7 8.58 -0.59 -0.68
C ASN A 7 7.56 -1.75 -0.55
N LYS A 8 6.32 -1.46 -0.13
CA LYS A 8 5.22 -2.39 0.10
C LYS A 8 3.88 -1.82 -0.40
N TRP A 9 2.83 -2.64 -0.44
CA TRP A 9 1.44 -2.22 -0.67
C TRP A 9 0.61 -2.54 0.59
N THR A 10 -0.48 -1.79 0.83
CA THR A 10 -1.40 -1.94 1.97
C THR A 10 -2.83 -1.62 1.55
N TRP A 11 -3.77 -2.49 1.93
CA TRP A 11 -5.20 -2.37 1.63
C TRP A 11 -5.85 -1.24 2.44
N LYS A 12 -7.00 -0.77 1.95
CA LYS A 12 -7.81 0.32 2.47
C LYS A 12 -8.98 -0.17 3.34
N NH2 A 13 -8.78 -0.22 4.65
HN1 NH2 A 13 -7.89 0.01 5.04
HN2 NH2 A 13 -9.57 -0.47 5.23
N SER A 1 -9.12 1.29 -0.58
CA SER A 1 -8.45 0.81 -1.80
C SER A 1 -7.02 0.31 -1.50
N TRP A 2 -6.28 -0.15 -2.53
CA TRP A 2 -4.87 -0.51 -2.36
C TRP A 2 -3.96 0.71 -2.51
N THR A 3 -2.81 0.70 -1.80
CA THR A 3 -1.87 1.82 -1.69
C THR A 3 -0.42 1.34 -1.47
N TRP A 4 0.58 2.12 -1.92
CA TRP A 4 2.00 1.83 -1.67
C TRP A 4 2.49 2.44 -0.34
N GLU A 5 3.02 1.57 0.51
CA GLU A 5 3.63 1.80 1.81
C GLU A 5 5.17 1.85 1.63
N GLY A 6 5.65 2.86 0.90
CA GLY A 6 7.06 3.17 0.63
C GLY A 6 7.88 2.13 -0.16
N ASN A 7 7.76 0.84 0.19
CA ASN A 7 8.40 -0.35 -0.41
C ASN A 7 7.46 -1.56 -0.58
N LYS A 8 6.24 -1.54 -0.03
CA LYS A 8 5.26 -2.63 -0.15
C LYS A 8 3.87 -2.09 -0.47
N TRP A 9 2.86 -2.95 -0.71
CA TRP A 9 1.45 -2.53 -0.88
C TRP A 9 0.68 -2.81 0.40
N THR A 10 -0.37 -2.01 0.64
CA THR A 10 -1.33 -2.20 1.74
C THR A 10 -2.71 -1.62 1.42
N TRP A 11 -3.75 -2.23 2.00
CA TRP A 11 -5.13 -1.77 1.91
C TRP A 11 -5.34 -0.60 2.87
N LYS A 12 -5.71 0.57 2.33
CA LYS A 12 -6.02 1.80 3.08
C LYS A 12 -7.25 2.49 2.50
N NH2 A 13 -7.16 3.01 1.28
HN1 NH2 A 13 -6.30 2.94 0.75
HN2 NH2 A 13 -7.98 3.47 0.91
N SER A 1 -8.54 1.29 -2.88
CA SER A 1 -8.53 -0.17 -2.69
C SER A 1 -7.19 -0.62 -2.12
N TRP A 2 -6.10 -0.36 -2.82
CA TRP A 2 -4.72 -0.54 -2.39
C TRP A 2 -3.99 0.80 -2.41
N THR A 3 -3.00 0.93 -1.53
CA THR A 3 -2.05 2.04 -1.54
C THR A 3 -0.65 1.52 -1.22
N TRP A 4 0.36 2.25 -1.70
CA TRP A 4 1.77 1.90 -1.59
C TRP A 4 2.42 2.59 -0.40
N GLU A 5 3.38 1.92 0.24
CA GLU A 5 4.04 2.36 1.46
C GLU A 5 5.56 2.09 1.41
N GLY A 6 6.29 3.03 0.80
CA GLY A 6 7.75 3.02 0.66
C GLY A 6 8.33 1.92 -0.24
N ASN A 7 7.99 0.65 0.03
CA ASN A 7 8.44 -0.54 -0.71
C ASN A 7 7.40 -1.69 -0.72
N LYS A 8 6.23 -1.54 -0.09
CA LYS A 8 5.20 -2.59 0.09
C LYS A 8 3.80 -2.02 -0.22
N TRP A 9 2.77 -2.87 -0.40
CA TRP A 9 1.37 -2.42 -0.57
C TRP A 9 0.55 -2.65 0.70
N THR A 10 -0.54 -1.89 0.85
CA THR A 10 -1.41 -1.81 2.02
C THR A 10 -2.86 -1.62 1.55
N TRP A 11 -3.73 -2.60 1.85
CA TRP A 11 -5.17 -2.56 1.52
C TRP A 11 -5.91 -1.48 2.32
N LYS A 12 -6.93 -0.89 1.70
CA LYS A 12 -7.80 0.19 2.18
C LYS A 12 -9.29 -0.04 1.87
N NH2 A 13 -9.65 -1.13 1.21
HN1 NH2 A 13 -8.97 -1.83 0.95
HN2 NH2 A 13 -10.62 -1.25 1.00
N SER A 1 -8.49 1.26 -2.73
CA SER A 1 -8.25 -0.09 -2.19
C SER A 1 -6.79 -0.30 -1.78
N TRP A 2 -5.90 -0.53 -2.75
CA TRP A 2 -4.50 -0.85 -2.53
C TRP A 2 -3.62 0.39 -2.72
N THR A 3 -2.86 0.71 -1.67
CA THR A 3 -2.06 1.93 -1.50
C THR A 3 -0.61 1.55 -1.22
N TRP A 4 0.33 2.20 -1.93
CA TRP A 4 1.77 1.98 -1.79
C TRP A 4 2.34 2.67 -0.55
N GLU A 5 3.17 1.94 0.19
CA GLU A 5 3.74 2.34 1.46
C GLU A 5 5.22 1.90 1.55
N GLY A 6 6.14 2.86 1.44
CA GLY A 6 7.57 2.61 1.46
C GLY A 6 8.08 1.87 0.22
N ASN A 7 7.90 0.55 0.23
CA ASN A 7 8.37 -0.44 -0.76
C ASN A 7 7.41 -1.63 -0.92
N LYS A 8 6.17 -1.51 -0.42
CA LYS A 8 5.11 -2.52 -0.48
C LYS A 8 3.74 -1.87 -0.70
N TRP A 9 2.69 -2.68 -0.80
CA TRP A 9 1.29 -2.21 -0.78
C TRP A 9 0.62 -2.66 0.52
N THR A 10 -0.40 -1.91 0.94
CA THR A 10 -1.33 -2.28 2.02
C THR A 10 -2.72 -1.68 1.72
N TRP A 11 -3.75 -2.22 2.37
CA TRP A 11 -5.17 -1.94 2.10
C TRP A 11 -5.65 -0.72 2.88
N LYS A 12 -6.43 0.13 2.21
CA LYS A 12 -7.13 1.28 2.81
C LYS A 12 -8.64 1.28 2.51
N NH2 A 13 -9.15 0.36 1.70
HN1 NH2 A 13 -8.56 -0.34 1.28
HN2 NH2 A 13 -10.14 0.36 1.58
N SER A 1 -8.21 1.57 -1.71
CA SER A 1 -7.94 0.14 -1.92
C SER A 1 -6.48 -0.15 -1.57
N TRP A 2 -5.70 -0.73 -2.48
CA TRP A 2 -4.26 -0.86 -2.32
C TRP A 2 -3.53 0.46 -2.51
N THR A 3 -2.60 0.71 -1.59
CA THR A 3 -1.80 1.92 -1.46
C THR A 3 -0.36 1.52 -1.22
N TRP A 4 0.59 2.24 -1.81
CA TRP A 4 2.00 1.91 -1.72
C TRP A 4 2.64 2.61 -0.52
N GLU A 5 2.96 1.79 0.49
CA GLU A 5 3.57 2.15 1.75
C GLU A 5 5.09 1.97 1.68
N GLY A 6 5.77 2.95 1.08
CA GLY A 6 7.23 2.94 1.00
C GLY A 6 7.76 1.98 -0.06
N ASN A 7 7.65 0.67 0.23
CA ASN A 7 8.18 -0.41 -0.60
C ASN A 7 7.24 -1.62 -0.70
N LYS A 8 5.93 -1.41 -0.48
CA LYS A 8 4.94 -2.47 -0.33
C LYS A 8 3.50 -1.95 -0.55
N TRP A 9 2.60 -2.73 -1.14
CA TRP A 9 1.17 -2.42 -1.19
C TRP A 9 0.48 -2.80 0.15
N THR A 10 -0.26 -1.88 0.79
CA THR A 10 -1.17 -2.10 1.95
C THR A 10 -2.59 -1.63 1.60
N TRP A 11 -3.61 -2.21 2.22
CA TRP A 11 -5.02 -1.86 1.95
C TRP A 11 -5.47 -0.68 2.83
N LYS A 12 -6.26 0.23 2.27
CA LYS A 12 -6.85 1.42 2.91
C LYS A 12 -8.22 1.75 2.27
N NH2 A 13 -9.32 1.42 2.94
HN1 NH2 A 13 -9.27 0.91 3.79
HN2 NH2 A 13 -10.19 1.74 2.55
N SER A 1 -8.67 0.04 -0.57
CA SER A 1 -7.82 0.40 -1.72
C SER A 1 -6.37 0.04 -1.47
N TRP A 2 -5.68 -0.51 -2.49
CA TRP A 2 -4.24 -0.67 -2.41
C TRP A 2 -3.53 0.69 -2.43
N THR A 3 -2.80 0.96 -1.35
CA THR A 3 -1.90 2.10 -1.16
C THR A 3 -0.47 1.61 -0.97
N TRP A 4 0.52 2.39 -1.40
CA TRP A 4 1.93 2.00 -1.45
C TRP A 4 2.77 2.74 -0.40
N GLU A 5 3.18 2.03 0.66
CA GLU A 5 4.07 2.57 1.70
C GLU A 5 5.54 2.23 1.39
N GLY A 6 6.19 3.12 0.62
CA GLY A 6 7.61 3.06 0.27
C GLY A 6 8.03 1.89 -0.62
N ASN A 7 7.86 0.66 -0.12
CA ASN A 7 8.25 -0.60 -0.77
C ASN A 7 7.19 -1.72 -0.60
N LYS A 8 5.99 -1.41 -0.08
CA LYS A 8 4.95 -2.41 0.21
C LYS A 8 3.53 -1.87 -0.03
N TRP A 9 2.71 -2.66 -0.76
CA TRP A 9 1.27 -2.43 -0.90
C TRP A 9 0.52 -2.80 0.39
N THR A 10 -0.48 -1.98 0.77
CA THR A 10 -1.39 -2.18 1.91
C THR A 10 -2.81 -1.75 1.54
N TRP A 11 -3.82 -2.57 1.85
CA TRP A 11 -5.24 -2.29 1.55
C TRP A 11 -5.86 -1.34 2.61
N LYS A 12 -5.33 -0.12 2.75
CA LYS A 12 -5.80 0.86 3.75
C LYS A 12 -6.09 2.27 3.23
N NH2 A 13 -5.47 2.71 2.14
HN1 NH2 A 13 -4.74 2.18 1.67
HN2 NH2 A 13 -5.69 3.65 1.85
N SER A 1 -8.59 1.12 0.24
CA SER A 1 -8.09 0.54 -1.02
C SER A 1 -6.59 0.27 -0.95
N TRP A 2 -6.07 -0.52 -1.89
CA TRP A 2 -4.64 -0.72 -2.08
C TRP A 2 -3.90 0.58 -2.44
N THR A 3 -2.82 0.87 -1.71
CA THR A 3 -1.86 1.94 -2.04
C THR A 3 -0.44 1.53 -1.68
N TRP A 4 0.55 2.15 -2.33
CA TRP A 4 1.98 1.92 -2.10
C TRP A 4 2.48 2.71 -0.89
N GLU A 5 3.25 2.04 -0.02
CA GLU A 5 3.75 2.61 1.23
C GLU A 5 5.16 2.10 1.54
N GLY A 6 6.15 3.01 1.50
CA GLY A 6 7.55 2.69 1.75
C GLY A 6 8.15 1.84 0.62
N ASN A 7 7.84 0.53 0.63
CA ASN A 7 8.29 -0.44 -0.37
C ASN A 7 7.27 -1.59 -0.60
N LYS A 8 5.99 -1.41 -0.23
CA LYS A 8 4.97 -2.47 -0.34
C LYS A 8 3.59 -1.93 -0.72
N TRP A 9 2.67 -2.83 -1.06
CA TRP A 9 1.26 -2.53 -1.24
C TRP A 9 0.52 -2.90 0.06
N THR A 10 -0.32 -2.00 0.58
CA THR A 10 -1.15 -2.22 1.78
C THR A 10 -2.58 -1.72 1.55
N TRP A 11 -3.52 -2.12 2.40
CA TRP A 11 -4.95 -1.83 2.30
C TRP A 11 -5.37 -0.78 3.34
N LYS A 12 -5.98 0.32 2.88
CA LYS A 12 -6.48 1.40 3.74
C LYS A 12 -8.02 1.50 3.75
N NH2 A 13 -8.57 2.42 4.52
HN1 NH2 A 13 -8.00 3.06 5.05
HN2 NH2 A 13 -9.58 2.47 4.53
N SER A 1 -9.21 0.09 -0.92
CA SER A 1 -8.28 0.30 -2.02
C SER A 1 -6.86 -0.12 -1.63
N TRP A 2 -6.05 -0.51 -2.61
CA TRP A 2 -4.63 -0.77 -2.38
C TRP A 2 -3.78 0.49 -2.56
N THR A 3 -2.85 0.73 -1.63
CA THR A 3 -1.89 1.86 -1.66
C THR A 3 -0.45 1.45 -1.26
N TRP A 4 0.53 2.17 -1.80
CA TRP A 4 1.96 1.93 -1.62
C TRP A 4 2.54 2.68 -0.42
N GLU A 5 3.06 1.93 0.54
CA GLU A 5 3.75 2.43 1.72
C GLU A 5 5.25 2.05 1.67
N GLY A 6 6.04 2.94 1.07
CA GLY A 6 7.49 2.83 1.02
C GLY A 6 7.99 1.88 -0.05
N ASN A 7 7.93 0.57 0.22
CA ASN A 7 8.35 -0.50 -0.70
C ASN A 7 7.34 -1.66 -0.77
N LYS A 8 6.08 -1.42 -0.39
CA LYS A 8 5.07 -2.46 -0.33
C LYS A 8 3.67 -1.89 -0.48
N TRP A 9 2.75 -2.68 -1.04
CA TRP A 9 1.33 -2.33 -1.06
C TRP A 9 0.66 -2.73 0.28
N THR A 10 -0.34 -1.96 0.77
CA THR A 10 -1.24 -2.27 1.89
C THR A 10 -2.68 -1.77 1.58
N TRP A 11 -3.69 -2.23 2.32
CA TRP A 11 -5.11 -1.92 2.03
C TRP A 11 -5.57 -0.67 2.80
N LYS A 12 -5.78 0.45 2.07
CA LYS A 12 -6.29 1.74 2.55
C LYS A 12 -7.06 2.50 1.46
N NH2 A 13 -8.22 3.03 1.81
HN1 NH2 A 13 -8.57 2.93 2.75
HN2 NH2 A 13 -8.74 3.55 1.10
N SER A 1 -8.94 0.63 -0.84
CA SER A 1 -8.15 0.19 -2.01
C SER A 1 -6.65 0.08 -1.68
N TRP A 2 -5.85 -0.47 -2.60
CA TRP A 2 -4.41 -0.65 -2.37
C TRP A 2 -3.62 0.65 -2.55
N THR A 3 -2.70 0.92 -1.61
CA THR A 3 -1.72 2.02 -1.68
C THR A 3 -0.34 1.54 -1.24
N TRP A 4 0.69 2.20 -1.76
CA TRP A 4 2.10 1.80 -1.62
C TRP A 4 2.74 2.42 -0.36
N GLU A 5 3.04 1.58 0.63
CA GLU A 5 3.63 1.95 1.92
C GLU A 5 5.16 2.00 1.78
N GLY A 6 5.63 2.88 0.89
CA GLY A 6 7.06 3.14 0.65
C GLY A 6 7.74 2.12 -0.26
N ASN A 7 7.58 0.82 0.03
CA ASN A 7 8.22 -0.31 -0.68
C ASN A 7 7.32 -1.56 -0.80
N LYS A 8 6.05 -1.47 -0.38
CA LYS A 8 5.13 -2.61 -0.26
C LYS A 8 3.68 -2.12 -0.52
N TRP A 9 2.71 -2.99 -0.84
CA TRP A 9 1.29 -2.58 -0.90
C TRP A 9 0.58 -2.83 0.44
N THR A 10 -0.37 -1.95 0.79
CA THR A 10 -1.29 -2.07 1.93
C THR A 10 -2.73 -1.65 1.54
N TRP A 11 -3.77 -2.24 2.16
CA TRP A 11 -5.19 -1.93 1.87
C TRP A 11 -5.71 -0.80 2.79
N LYS A 12 -6.45 0.15 2.19
CA LYS A 12 -7.16 1.26 2.85
C LYS A 12 -8.59 0.83 3.18
N NH2 A 13 -8.77 -0.02 4.18
HN1 NH2 A 13 -7.98 -0.39 4.68
HN2 NH2 A 13 -9.72 -0.27 4.40
N SER A 1 -8.65 -0.01 0.22
CA SER A 1 -8.07 -0.10 -1.13
C SER A 1 -6.53 -0.12 -1.10
N TRP A 2 -5.91 -0.66 -2.16
CA TRP A 2 -4.46 -0.69 -2.29
C TRP A 2 -3.80 0.69 -2.30
N THR A 3 -2.79 0.84 -1.43
CA THR A 3 -2.03 2.05 -1.10
C THR A 3 -0.56 1.66 -0.96
N TRP A 4 0.37 2.42 -1.56
CA TRP A 4 1.82 2.16 -1.48
C TRP A 4 2.44 2.73 -0.19
N GLU A 5 3.53 2.10 0.29
CA GLU A 5 4.23 2.43 1.54
C GLU A 5 5.73 2.75 1.36
N GLY A 6 6.22 2.79 0.10
CA GLY A 6 7.64 2.97 -0.22
C GLY A 6 8.38 1.65 -0.49
N ASN A 7 7.90 0.54 0.05
CA ASN A 7 8.40 -0.79 -0.33
C ASN A 7 7.36 -1.92 -0.34
N LYS A 8 6.08 -1.58 -0.14
CA LYS A 8 4.96 -2.53 -0.05
C LYS A 8 3.66 -1.84 -0.46
N TRP A 9 2.65 -2.65 -0.79
CA TRP A 9 1.25 -2.27 -1.02
C TRP A 9 0.43 -2.78 0.20
N THR A 10 -0.40 -1.92 0.79
CA THR A 10 -1.34 -2.21 1.90
C THR A 10 -2.77 -1.88 1.49
N TRP A 11 -3.77 -2.63 2.02
CA TRP A 11 -5.20 -2.42 1.73
C TRP A 11 -5.86 -1.42 2.71
N LYS A 12 -5.01 -0.75 3.52
CA LYS A 12 -5.32 0.35 4.44
C LYS A 12 -5.25 1.73 3.78
N NH2 A 13 -5.02 1.80 2.48
HN1 NH2 A 13 -4.93 0.95 1.93
HN2 NH2 A 13 -4.92 2.70 2.03
N SER A 1 -8.97 0.04 -0.55
CA SER A 1 -8.15 -0.04 -1.77
C SER A 1 -6.66 -0.16 -1.46
N TRP A 2 -5.91 -0.74 -2.40
CA TRP A 2 -4.46 -0.80 -2.35
C TRP A 2 -3.80 0.57 -2.51
N THR A 3 -2.74 0.78 -1.73
CA THR A 3 -1.93 1.99 -1.67
C THR A 3 -0.49 1.58 -1.35
N TRP A 4 0.47 2.19 -2.05
CA TRP A 4 1.89 1.99 -1.79
C TRP A 4 2.31 2.53 -0.42
N GLU A 5 3.16 1.75 0.27
CA GLU A 5 3.60 1.92 1.65
C GLU A 5 5.14 1.81 1.70
N GLY A 6 5.82 2.78 1.08
CA GLY A 6 7.29 2.83 1.02
C GLY A 6 7.90 1.90 -0.03
N ASN A 7 7.80 0.58 0.21
CA ASN A 7 8.36 -0.49 -0.62
C ASN A 7 7.42 -1.71 -0.69
N LYS A 8 6.17 -1.55 -0.27
CA LYS A 8 5.14 -2.59 -0.35
C LYS A 8 3.80 -1.95 -0.62
N TRP A 9 2.77 -2.78 -0.77
CA TRP A 9 1.38 -2.31 -0.89
C TRP A 9 0.67 -2.52 0.45
N THR A 10 -0.48 -1.86 0.62
CA THR A 10 -1.24 -1.83 1.87
C THR A 10 -2.68 -1.48 1.52
N TRP A 11 -3.66 -2.26 2.01
CA TRP A 11 -5.09 -1.97 1.83
C TRP A 11 -5.54 -0.89 2.84
N LYS A 12 -6.54 -0.06 2.48
CA LYS A 12 -7.17 0.90 3.41
C LYS A 12 -8.32 0.23 4.16
N NH2 A 13 -8.00 -0.66 5.10
HN1 NH2 A 13 -7.02 -0.89 5.23
HN2 NH2 A 13 -8.74 -1.10 5.63
N SER A 1 -9.17 -0.53 -1.02
CA SER A 1 -8.23 0.01 -2.00
C SER A 1 -6.79 -0.30 -1.61
N TRP A 2 -5.95 -0.67 -2.58
CA TRP A 2 -4.52 -0.82 -2.30
C TRP A 2 -3.78 0.52 -2.44
N THR A 3 -2.81 0.76 -1.54
CA THR A 3 -1.92 1.92 -1.52
C THR A 3 -0.47 1.45 -1.36
N TRP A 4 0.46 2.24 -1.90
CA TRP A 4 1.89 1.97 -1.88
C TRP A 4 2.55 2.73 -0.72
N GLU A 5 3.16 1.99 0.22
CA GLU A 5 3.77 2.54 1.42
C GLU A 5 5.23 2.07 1.55
N GLY A 6 6.17 2.99 1.33
CA GLY A 6 7.61 2.75 1.40
C GLY A 6 8.12 1.87 0.27
N ASN A 7 7.80 0.57 0.34
CA ASN A 7 8.16 -0.45 -0.66
C ASN A 7 7.08 -1.54 -0.84
N LYS A 8 5.95 -1.42 -0.14
CA LYS A 8 4.94 -2.47 -0.01
C LYS A 8 3.54 -1.96 -0.39
N TRP A 9 2.68 -2.85 -0.90
CA TRP A 9 1.25 -2.56 -1.08
C TRP A 9 0.53 -2.88 0.25
N THR A 10 -0.29 -1.94 0.74
CA THR A 10 -1.12 -2.01 1.97
C THR A 10 -2.56 -1.57 1.66
N TRP A 11 -3.57 -2.31 2.13
CA TRP A 11 -4.99 -2.02 1.89
C TRP A 11 -5.43 -0.86 2.79
N LYS A 12 -6.19 0.09 2.25
CA LYS A 12 -6.76 1.26 2.95
C LYS A 12 -8.17 1.57 2.46
N NH2 A 13 -8.97 2.18 3.32
HN1 NH2 A 13 -8.64 2.40 4.24
HN2 NH2 A 13 -9.90 2.42 3.02
N SER A 1 -9.54 -0.34 -1.49
CA SER A 1 -8.51 0.50 -2.13
C SER A 1 -7.09 0.12 -1.70
N TRP A 2 -6.18 -0.06 -2.66
CA TRP A 2 -4.77 -0.33 -2.40
C TRP A 2 -3.93 0.96 -2.33
N THR A 3 -2.87 0.94 -1.50
CA THR A 3 -1.88 2.01 -1.34
C THR A 3 -0.47 1.45 -1.16
N TRP A 4 0.52 2.09 -1.79
CA TRP A 4 1.95 1.81 -1.61
C TRP A 4 2.49 2.52 -0.36
N GLU A 5 3.37 1.83 0.37
CA GLU A 5 3.96 2.27 1.64
C GLU A 5 5.47 2.54 1.51
N GLY A 6 5.97 2.71 0.28
CA GLY A 6 7.35 3.09 -0.04
C GLY A 6 8.22 1.92 -0.47
N ASN A 7 7.94 0.72 0.06
CA ASN A 7 8.55 -0.56 -0.33
C ASN A 7 7.54 -1.75 -0.43
N LYS A 8 6.25 -1.57 -0.14
CA LYS A 8 5.22 -2.63 -0.15
C LYS A 8 3.79 -2.07 -0.32
N TRP A 9 2.80 -2.93 -0.60
CA TRP A 9 1.39 -2.56 -0.83
C TRP A 9 0.50 -2.92 0.37
N THR A 10 -0.60 -2.17 0.59
CA THR A 10 -1.50 -2.32 1.75
C THR A 10 -2.91 -1.77 1.44
N TRP A 11 -3.96 -2.50 1.86
CA TRP A 11 -5.39 -2.20 1.61
C TRP A 11 -5.92 -1.23 2.68
N LYS A 12 -6.35 -0.04 2.25
CA LYS A 12 -6.86 1.05 3.10
C LYS A 12 -8.31 1.37 2.72
N NH2 A 13 -9.13 1.78 3.68
HN1 NH2 A 13 -8.84 1.82 4.65
HN2 NH2 A 13 -10.07 2.02 3.40
#